data_7DI0
#
_entry.id   7DI0
#
_cell.length_a   30.254
_cell.length_b   77.875
_cell.length_c   108.907
_cell.angle_alpha   90.000
_cell.angle_beta   90.000
_cell.angle_gamma   90.000
#
_symmetry.space_group_name_H-M   'P 21 21 21'
#
loop_
_entity.id
_entity.type
_entity.pdbx_description
1 polymer 'apDPBB_sym_79 protein'
2 non-polymer 'SULFATE ION'
3 water water
#
_entity_poly.entity_id   1
_entity_poly.type   'polypeptide(L)'
_entity_poly.pdbx_seq_one_letter_code
;GPMANSSVELRVLEARPEDVGRKIVRMDKQTRARLGVSVGDYVEVKKVDRSVVARVLPARPEDVGRGIVRMDKYLRAALG
VSVGDYVEVKKVE
;
_entity_poly.pdbx_strand_id   A,B,C
#
loop_
_chem_comp.id
_chem_comp.type
_chem_comp.name
_chem_comp.formula
SO4 non-polymer 'SULFATE ION' 'O4 S -2'
#
# COMPACT_ATOMS: atom_id res chain seq x y z
N SER A 6 2.32 17.75 9.12
CA SER A 6 1.25 17.97 8.17
C SER A 6 1.63 17.47 6.77
N SER A 7 2.01 18.40 5.91
CA SER A 7 2.29 18.10 4.52
C SER A 7 3.76 18.39 4.22
N VAL A 8 4.16 18.04 3.00
CA VAL A 8 5.43 18.46 2.44
C VAL A 8 5.12 19.16 1.14
N GLU A 9 5.94 20.15 0.80
CA GLU A 9 5.85 20.81 -0.49
C GLU A 9 6.97 20.27 -1.36
N LEU A 10 6.64 19.83 -2.56
CA LEU A 10 7.62 19.23 -3.45
C LEU A 10 7.48 19.83 -4.85
N ARG A 11 8.61 19.86 -5.58
CA ARG A 11 8.62 20.32 -6.97
C ARG A 11 8.29 19.15 -7.88
N VAL A 12 7.42 19.38 -8.87
CA VAL A 12 6.99 18.33 -9.78
C VAL A 12 8.05 18.12 -10.84
N LEU A 13 8.53 16.88 -10.97
CA LEU A 13 9.42 16.52 -12.07
C LEU A 13 8.74 15.44 -12.92
N GLU A 14 9.28 15.23 -14.12
CA GLU A 14 8.71 14.28 -15.06
C GLU A 14 8.86 12.83 -14.59
N ALA A 15 7.94 11.98 -15.02
CA ALA A 15 8.06 10.54 -14.79
C ALA A 15 9.04 9.91 -15.77
N ARG A 16 9.84 8.96 -15.28
CA ARG A 16 10.65 8.16 -16.18
C ARG A 16 9.73 7.26 -17.02
N PRO A 17 10.18 6.85 -18.20
CA PRO A 17 9.27 6.12 -19.11
C PRO A 17 8.59 4.91 -18.49
N GLU A 18 9.30 4.14 -17.66
CA GLU A 18 8.71 2.97 -17.04
C GLU A 18 7.49 3.32 -16.18
N ASP A 19 7.36 4.57 -15.75
CA ASP A 19 6.30 4.93 -14.82
C ASP A 19 5.14 5.66 -15.47
N VAL A 20 5.20 5.92 -16.77
CA VAL A 20 4.14 6.67 -17.41
C VAL A 20 2.90 5.81 -17.50
N GLY A 21 1.76 6.36 -17.07
CA GLY A 21 0.52 5.62 -17.03
C GLY A 21 0.25 4.89 -15.74
N ARG A 22 1.15 4.98 -14.77
CA ARG A 22 0.91 4.39 -13.47
C ARG A 22 0.39 5.47 -12.54
N LYS A 23 -0.55 5.10 -11.68
CA LYS A 23 -1.10 6.05 -10.71
C LYS A 23 -0.19 6.07 -9.48
N ILE A 24 1.06 6.47 -9.70
CA ILE A 24 2.11 6.45 -8.68
C ILE A 24 2.87 7.77 -8.71
N VAL A 25 3.59 8.04 -7.61
CA VAL A 25 4.56 9.10 -7.53
C VAL A 25 5.83 8.50 -6.95
N ARG A 26 6.97 9.11 -7.27
CA ARG A 26 8.25 8.69 -6.73
C ARG A 26 8.76 9.77 -5.80
N MET A 27 9.18 9.37 -4.60
CA MET A 27 9.75 10.28 -3.62
C MET A 27 10.85 9.53 -2.86
N ASP A 28 11.81 10.28 -2.30
CA ASP A 28 12.94 9.62 -1.66
C ASP A 28 12.58 9.17 -0.24
N LYS A 29 13.50 8.44 0.38
CA LYS A 29 13.20 7.83 1.68
C LYS A 29 12.97 8.90 2.75
N GLN A 30 13.76 9.97 2.72
CA GLN A 30 13.57 11.05 3.68
C GLN A 30 12.17 11.61 3.59
N THR A 31 11.70 11.85 2.38
CA THR A 31 10.36 12.40 2.19
C THR A 31 9.29 11.44 2.67
N ARG A 32 9.44 10.15 2.36
CA ARG A 32 8.47 9.18 2.84
C ARG A 32 8.43 9.16 4.36
N ALA A 33 9.60 9.25 5.01
CA ALA A 33 9.61 9.27 6.47
C ALA A 33 8.93 10.51 7.01
N ARG A 34 9.19 11.67 6.40
CA ARG A 34 8.53 12.90 6.83
C ARG A 34 7.02 12.77 6.75
N LEU A 35 6.54 12.09 5.71
CA LEU A 35 5.11 11.90 5.50
C LEU A 35 4.52 10.80 6.37
N GLY A 36 5.35 9.92 6.92
CA GLY A 36 4.82 8.79 7.65
C GLY A 36 4.32 7.66 6.80
N VAL A 37 4.86 7.50 5.59
CA VAL A 37 4.44 6.44 4.68
C VAL A 37 5.64 5.59 4.28
N SER A 38 5.33 4.39 3.78
CA SER A 38 6.30 3.44 3.23
C SER A 38 5.99 3.24 1.75
N VAL A 39 6.95 2.67 1.01
CA VAL A 39 6.66 2.30 -0.37
C VAL A 39 5.44 1.38 -0.40
N GLY A 40 4.55 1.62 -1.36
CA GLY A 40 3.31 0.89 -1.48
C GLY A 40 2.12 1.54 -0.78
N ASP A 41 2.37 2.48 0.13
CA ASP A 41 1.29 3.25 0.73
C ASP A 41 0.79 4.30 -0.27
N TYR A 42 -0.31 4.97 0.09
CA TYR A 42 -0.91 5.99 -0.76
C TYR A 42 -0.74 7.37 -0.15
N VAL A 43 -0.61 8.37 -1.03
CA VAL A 43 -0.59 9.77 -0.63
C VAL A 43 -1.59 10.52 -1.50
N GLU A 44 -1.96 11.70 -1.04
CA GLU A 44 -2.74 12.62 -1.84
C GLU A 44 -1.84 13.78 -2.25
N VAL A 45 -1.84 14.10 -3.54
CA VAL A 45 -1.12 15.23 -4.09
C VAL A 45 -2.13 16.31 -4.37
N LYS A 46 -1.85 17.54 -3.97
CA LYS A 46 -2.85 18.59 -4.04
C LYS A 46 -2.27 19.85 -4.70
N LYS A 47 -3.12 20.54 -5.46
CA LYS A 47 -2.80 21.85 -6.00
C LYS A 47 -4.08 22.67 -5.98
N VAL A 48 -4.14 23.70 -5.13
CA VAL A 48 -5.34 24.50 -4.94
C VAL A 48 -6.51 23.57 -4.64
N ASP A 49 -7.52 23.53 -5.51
CA ASP A 49 -8.70 22.72 -5.26
C ASP A 49 -8.70 21.44 -6.11
N ARG A 50 -7.54 21.05 -6.64
CA ARG A 50 -7.40 19.80 -7.35
C ARG A 50 -6.63 18.81 -6.50
N SER A 51 -6.90 17.52 -6.70
CA SER A 51 -6.19 16.50 -5.93
C SER A 51 -6.23 15.18 -6.69
N VAL A 52 -5.18 14.39 -6.49
CA VAL A 52 -5.11 13.02 -6.99
C VAL A 52 -4.50 12.16 -5.90
N VAL A 53 -4.95 10.91 -5.83
CA VAL A 53 -4.39 9.94 -4.90
C VAL A 53 -3.46 9.02 -5.70
N ALA A 54 -2.25 8.83 -5.20
CA ALA A 54 -1.25 8.04 -5.91
C ALA A 54 -0.54 7.11 -4.94
N ARG A 55 -0.10 5.97 -5.45
CA ARG A 55 0.71 5.06 -4.67
C ARG A 55 2.17 5.52 -4.65
N VAL A 56 2.82 5.36 -3.49
CA VAL A 56 4.20 5.81 -3.31
C VAL A 56 5.16 4.72 -3.74
N LEU A 57 6.03 5.01 -4.71
CA LEU A 57 7.11 4.14 -5.10
C LEU A 57 8.44 4.85 -4.83
N PRO A 58 9.52 4.11 -4.58
CA PRO A 58 10.77 4.75 -4.16
C PRO A 58 11.46 5.47 -5.30
N ALA A 59 11.84 6.72 -5.05
CA ALA A 59 12.68 7.42 -6.00
C ALA A 59 14.01 6.70 -6.18
N ARG A 60 14.56 6.81 -7.38
CA ARG A 60 15.86 6.23 -7.66
C ARG A 60 16.95 6.97 -6.89
N PRO A 61 18.09 6.32 -6.65
CA PRO A 61 19.09 6.94 -5.75
C PRO A 61 19.59 8.28 -6.24
N GLU A 62 19.67 8.49 -7.55
CA GLU A 62 20.19 9.75 -8.08
C GLU A 62 19.28 10.92 -7.79
N ASP A 63 18.02 10.67 -7.43
CA ASP A 63 17.06 11.74 -7.17
C ASP A 63 17.01 12.12 -5.69
N VAL A 64 17.88 11.57 -4.84
CA VAL A 64 17.77 11.80 -3.41
C VAL A 64 17.99 13.27 -3.07
N GLY A 65 17.18 13.78 -2.16
CA GLY A 65 17.36 15.10 -1.60
C GLY A 65 17.08 16.26 -2.52
N ARG A 66 16.49 16.00 -3.69
CA ARG A 66 16.23 17.07 -4.64
C ARG A 66 14.96 17.86 -4.31
N GLY A 67 14.17 17.40 -3.34
CA GLY A 67 12.93 18.08 -3.05
C GLY A 67 11.90 17.90 -4.14
N ILE A 68 11.88 16.75 -4.79
CA ILE A 68 11.00 16.55 -5.95
C ILE A 68 10.04 15.40 -5.68
N VAL A 69 8.98 15.40 -6.49
CA VAL A 69 8.10 14.26 -6.67
C VAL A 69 7.97 14.05 -8.16
N ARG A 70 8.25 12.83 -8.63
CA ARG A 70 8.07 12.53 -10.05
C ARG A 70 6.66 12.03 -10.27
N MET A 71 5.98 12.63 -11.23
CA MET A 71 4.63 12.21 -11.59
CA MET A 71 4.63 12.19 -11.59
C MET A 71 4.45 12.39 -13.09
N ASP A 72 3.65 11.50 -13.69
CA ASP A 72 3.58 11.54 -15.15
C ASP A 72 2.65 12.65 -15.64
N LYS A 73 2.62 12.81 -16.97
CA LYS A 73 1.86 13.91 -17.58
C LYS A 73 0.36 13.76 -17.37
N TYR A 74 -0.11 12.54 -17.09
CA TYR A 74 -1.54 12.32 -16.83
C TYR A 74 -1.93 12.81 -15.44
N LEU A 75 -1.12 12.49 -14.42
CA LEU A 75 -1.40 13.05 -13.10
C LEU A 75 -1.19 14.56 -13.09
N ARG A 76 -0.23 15.06 -13.85
CA ARG A 76 -0.04 16.51 -13.94
C ARG A 76 -1.28 17.17 -14.54
N ALA A 77 -1.85 16.56 -15.57
CA ALA A 77 -3.07 17.10 -16.17
C ALA A 77 -4.21 17.13 -15.17
N ALA A 78 -4.35 16.06 -14.38
CA ALA A 78 -5.42 16.02 -13.38
C ALA A 78 -5.27 17.12 -12.35
N LEU A 79 -4.04 17.50 -12.01
CA LEU A 79 -3.79 18.54 -11.02
C LEU A 79 -3.71 19.93 -11.64
N GLY A 80 -3.59 20.03 -12.96
CA GLY A 80 -3.38 21.31 -13.61
C GLY A 80 -2.01 21.89 -13.36
N VAL A 81 -0.98 21.05 -13.25
CA VAL A 81 0.35 21.53 -12.95
C VAL A 81 1.29 21.20 -14.10
N SER A 82 2.39 21.94 -14.13
CA SER A 82 3.47 21.74 -15.08
C SER A 82 4.67 21.22 -14.31
N VAL A 83 5.60 20.59 -15.03
CA VAL A 83 6.91 20.33 -14.44
C VAL A 83 7.47 21.63 -13.91
N GLY A 84 8.01 21.60 -12.69
CA GLY A 84 8.54 22.77 -12.04
C GLY A 84 7.58 23.47 -11.10
N ASP A 85 6.28 23.19 -11.21
CA ASP A 85 5.33 23.70 -10.22
C ASP A 85 5.54 23.00 -8.88
N TYR A 86 5.03 23.63 -7.83
CA TYR A 86 5.06 23.04 -6.50
C TYR A 86 3.70 22.44 -6.17
N VAL A 87 3.73 21.28 -5.52
CA VAL A 87 2.50 20.64 -5.04
C VAL A 87 2.65 20.33 -3.56
N GLU A 88 1.50 20.17 -2.90
CA GLU A 88 1.43 19.66 -1.54
C GLU A 88 1.23 18.15 -1.59
N VAL A 89 2.00 17.42 -0.81
CA VAL A 89 1.81 15.97 -0.69
C VAL A 89 1.54 15.65 0.77
N LYS A 90 0.55 14.80 1.01
CA LYS A 90 0.18 14.44 2.36
C LYS A 90 -0.44 13.05 2.36
N LYS A 91 -0.59 12.49 3.56
CA LYS A 91 -1.29 11.23 3.68
C LYS A 91 -2.74 11.41 3.24
N VAL A 92 -3.36 10.30 2.84
CA VAL A 92 -4.77 10.31 2.49
C VAL A 92 -5.59 10.37 3.76
N GLU A 93 -6.41 11.41 3.88
CA GLU A 93 -7.25 11.55 5.07
C GLU A 93 -8.41 12.46 4.74
N SER B 6 -0.85 -14.80 -10.76
CA SER B 6 -0.37 -16.17 -10.78
C SER B 6 0.62 -16.43 -9.65
N SER B 7 0.74 -17.71 -9.31
CA SER B 7 1.61 -18.16 -8.23
C SER B 7 2.95 -18.63 -8.80
N VAL B 8 4.05 -18.30 -8.12
CA VAL B 8 5.39 -18.60 -8.60
C VAL B 8 6.18 -19.28 -7.49
N GLU B 9 6.95 -20.31 -7.84
CA GLU B 9 7.84 -20.96 -6.88
C GLU B 9 9.21 -20.32 -6.96
N LEU B 10 9.76 -19.96 -5.79
CA LEU B 10 11.01 -19.24 -5.72
C LEU B 10 11.85 -19.85 -4.60
N ARG B 11 13.16 -19.76 -4.75
CA ARG B 11 14.06 -20.28 -3.73
C ARG B 11 14.36 -19.21 -2.66
N VAL B 12 14.33 -19.63 -1.41
CA VAL B 12 14.54 -18.72 -0.27
C VAL B 12 16.04 -18.59 0.01
N LEU B 13 16.52 -17.36 0.02
CA LEU B 13 17.86 -17.02 0.51
C LEU B 13 17.75 -16.14 1.75
N GLU B 14 18.82 -16.13 2.54
CA GLU B 14 18.81 -15.38 3.79
C GLU B 14 18.73 -13.87 3.53
N ALA B 15 18.13 -13.16 4.49
CA ALA B 15 18.09 -11.70 4.42
C ALA B 15 19.47 -11.12 4.66
N ARG B 16 19.72 -9.99 4.02
CA ARG B 16 20.90 -9.19 4.33
C ARG B 16 20.79 -8.69 5.77
N PRO B 17 21.92 -8.45 6.45
CA PRO B 17 21.84 -8.13 7.89
C PRO B 17 20.95 -6.93 8.17
N GLU B 18 21.04 -5.89 7.35
CA GLU B 18 20.24 -4.69 7.55
C GLU B 18 18.77 -4.89 7.24
N ASP B 19 18.37 -6.05 6.69
CA ASP B 19 16.97 -6.36 6.46
C ASP B 19 16.40 -7.34 7.48
N VAL B 20 17.22 -7.92 8.36
CA VAL B 20 16.69 -8.86 9.35
C VAL B 20 15.71 -8.13 10.26
N GLY B 21 14.53 -8.73 10.46
CA GLY B 21 13.49 -8.12 11.24
C GLY B 21 12.53 -7.25 10.46
N ARG B 22 12.82 -6.94 9.21
CA ARG B 22 11.86 -6.27 8.36
C ARG B 22 10.90 -7.30 7.80
N LYS B 23 9.62 -6.96 7.76
CA LYS B 23 8.62 -7.91 7.25
C LYS B 23 8.52 -7.78 5.73
N ILE B 24 9.63 -8.08 5.07
CA ILE B 24 9.75 -7.86 3.63
C ILE B 24 10.35 -9.08 2.95
N VAL B 25 10.16 -9.13 1.64
CA VAL B 25 10.88 -10.05 0.77
C VAL B 25 11.51 -9.23 -0.36
N ARG B 26 12.73 -9.58 -0.75
CA ARG B 26 13.37 -8.92 -1.88
C ARG B 26 13.32 -9.84 -3.09
N MET B 27 12.82 -9.31 -4.20
CA MET B 27 12.74 -10.02 -5.47
CA MET B 27 12.78 -10.03 -5.46
C MET B 27 13.05 -9.03 -6.58
N ASP B 28 13.64 -9.53 -7.66
CA ASP B 28 14.06 -8.65 -8.72
C ASP B 28 12.90 -8.31 -9.67
N LYS B 29 13.19 -7.45 -10.65
CA LYS B 29 12.17 -6.93 -11.54
C LYS B 29 11.50 -8.05 -12.34
N GLN B 30 12.30 -8.96 -12.90
CA GLN B 30 11.72 -10.07 -13.67
C GLN B 30 10.81 -10.91 -12.79
N THR B 31 11.18 -11.12 -11.54
CA THR B 31 10.36 -11.92 -10.64
C THR B 31 9.07 -11.19 -10.29
N ARG B 32 9.17 -9.87 -10.03
CA ARG B 32 7.97 -9.08 -9.81
C ARG B 32 7.03 -9.12 -11.00
N ALA B 33 7.59 -9.09 -12.22
CA ALA B 33 6.77 -9.17 -13.42
C ALA B 33 6.01 -10.48 -13.47
N ARG B 34 6.68 -11.60 -13.16
CA ARG B 34 6.00 -12.90 -13.16
C ARG B 34 4.85 -12.92 -12.17
N LEU B 35 4.96 -12.18 -11.06
CA LEU B 35 3.91 -12.11 -10.05
C LEU B 35 2.89 -11.02 -10.33
N GLY B 36 3.18 -10.10 -11.25
CA GLY B 36 2.29 -8.95 -11.45
C GLY B 36 2.26 -8.00 -10.27
N VAL B 37 3.40 -7.80 -9.61
CA VAL B 37 3.47 -6.92 -8.46
C VAL B 37 4.47 -5.79 -8.73
N SER B 38 4.28 -4.71 -7.98
CA SER B 38 5.20 -3.58 -7.87
C SER B 38 5.91 -3.65 -6.53
N VAL B 39 7.03 -2.94 -6.43
CA VAL B 39 7.59 -2.66 -5.11
C VAL B 39 6.51 -2.04 -4.26
N GLY B 40 6.43 -2.45 -2.99
CA GLY B 40 5.43 -1.95 -2.07
C GLY B 40 4.16 -2.78 -2.00
N ASP B 41 3.91 -3.63 -2.99
CA ASP B 41 2.78 -4.55 -2.90
C ASP B 41 3.06 -5.60 -1.81
N TYR B 42 2.02 -6.34 -1.45
CA TYR B 42 2.14 -7.45 -0.53
C TYR B 42 2.00 -8.77 -1.28
N VAL B 43 2.77 -9.77 -0.87
CA VAL B 43 2.63 -11.11 -1.40
C VAL B 43 2.35 -12.06 -0.26
N GLU B 44 1.64 -13.13 -0.58
CA GLU B 44 1.53 -14.27 0.31
C GLU B 44 2.63 -15.25 -0.05
N VAL B 45 3.40 -15.68 0.94
CA VAL B 45 4.43 -16.68 0.76
C VAL B 45 3.97 -17.95 1.48
N LYS B 46 3.94 -19.07 0.76
CA LYS B 46 3.30 -20.29 1.24
C LYS B 46 4.27 -21.46 1.15
N LYS B 47 4.20 -22.35 2.15
CA LYS B 47 4.85 -23.65 2.09
C LYS B 47 3.84 -24.68 2.57
N VAL B 48 3.36 -25.52 1.66
CA VAL B 48 2.29 -26.47 1.93
C VAL B 48 1.10 -25.70 2.50
N ASP B 49 0.82 -25.89 3.79
CA ASP B 49 -0.35 -25.32 4.43
C ASP B 49 -0.04 -24.09 5.26
N ARG B 50 1.21 -23.67 5.32
CA ARG B 50 1.60 -22.52 6.13
C ARG B 50 1.79 -21.31 5.23
N SER B 51 1.48 -20.13 5.78
CA SER B 51 1.35 -18.92 4.98
C SER B 51 1.84 -17.72 5.79
N VAL B 52 2.52 -16.79 5.11
CA VAL B 52 2.86 -15.48 5.68
C VAL B 52 2.64 -14.43 4.60
N VAL B 53 2.52 -13.18 5.04
CA VAL B 53 2.45 -12.07 4.09
C VAL B 53 3.66 -11.18 4.33
N ALA B 54 4.13 -10.56 3.25
CA ALA B 54 5.31 -9.71 3.34
C ALA B 54 5.27 -8.70 2.22
N ARG B 55 5.86 -7.53 2.48
CA ARG B 55 5.90 -6.46 1.49
C ARG B 55 7.06 -6.67 0.53
N VAL B 56 6.81 -6.37 -0.74
CA VAL B 56 7.80 -6.59 -1.80
C VAL B 56 8.73 -5.39 -1.88
N LEU B 57 10.03 -5.63 -1.69
CA LEU B 57 11.10 -4.67 -1.94
C LEU B 57 11.98 -5.16 -3.10
N PRO B 58 12.71 -4.26 -3.75
CA PRO B 58 13.50 -4.67 -4.92
C PRO B 58 14.77 -5.43 -4.51
N ALA B 59 15.37 -6.08 -5.51
CA ALA B 59 16.57 -6.86 -5.29
C ALA B 59 17.80 -5.97 -5.19
N ARG B 60 18.76 -6.40 -4.39
CA ARG B 60 20.10 -5.84 -4.49
C ARG B 60 20.66 -6.18 -5.86
N PRO B 61 21.50 -5.31 -6.43
CA PRO B 61 22.04 -5.56 -7.79
C PRO B 61 22.64 -6.95 -7.95
N GLU B 62 23.36 -7.44 -6.92
CA GLU B 62 24.02 -8.73 -7.03
C GLU B 62 23.02 -9.89 -7.10
N ASP B 63 21.75 -9.67 -6.80
CA ASP B 63 20.76 -10.73 -6.90
C ASP B 63 19.90 -10.61 -8.14
N VAL B 64 20.07 -9.56 -8.94
CA VAL B 64 19.25 -9.41 -10.12
C VAL B 64 19.54 -10.56 -11.08
N GLY B 65 18.49 -11.21 -11.54
CA GLY B 65 18.64 -12.35 -12.42
C GLY B 65 18.57 -13.69 -11.74
N ARG B 66 18.51 -13.74 -10.41
CA ARG B 66 18.33 -14.98 -9.67
C ARG B 66 16.85 -15.17 -9.37
N GLY B 67 16.38 -16.42 -9.44
CA GLY B 67 14.99 -16.71 -9.19
C GLY B 67 14.76 -16.93 -7.72
N ILE B 68 15.06 -15.90 -6.92
CA ILE B 68 15.12 -16.08 -5.48
C ILE B 68 14.24 -15.05 -4.79
N VAL B 69 13.99 -15.32 -3.53
CA VAL B 69 13.37 -14.36 -2.63
C VAL B 69 14.23 -14.34 -1.38
N ARG B 70 14.64 -13.15 -0.96
CA ARG B 70 15.37 -13.03 0.29
C ARG B 70 14.38 -12.76 1.42
N MET B 71 14.47 -13.56 2.48
CA MET B 71 13.50 -13.57 3.56
C MET B 71 14.21 -13.91 4.86
N ASP B 72 13.89 -13.18 5.94
CA ASP B 72 14.62 -13.37 7.18
C ASP B 72 14.12 -14.58 7.96
N LYS B 73 14.74 -14.85 9.10
CA LYS B 73 14.42 -16.07 9.86
C LYS B 73 13.04 -16.00 10.48
N TYR B 74 12.52 -14.79 10.73
CA TYR B 74 11.17 -14.66 11.26
C TYR B 74 10.15 -15.23 10.30
N LEU B 75 10.23 -14.84 9.03
CA LEU B 75 9.27 -15.37 8.06
C LEU B 75 9.57 -16.83 7.74
N ARG B 76 10.86 -17.20 7.66
CA ARG B 76 11.19 -18.60 7.40
C ARG B 76 10.62 -19.50 8.49
N ALA B 77 10.81 -19.10 9.75
CA ALA B 77 10.31 -19.90 10.86
C ALA B 77 8.79 -20.02 10.83
N ALA B 78 8.09 -18.93 10.52
CA ALA B 78 6.64 -19.00 10.44
C ALA B 78 6.18 -19.94 9.35
N LEU B 79 7.00 -20.12 8.30
CA LEU B 79 6.69 -21.04 7.21
C LEU B 79 7.23 -22.44 7.43
N GLY B 80 8.11 -22.63 8.41
CA GLY B 80 8.76 -23.92 8.56
C GLY B 80 9.73 -24.25 7.46
N VAL B 81 10.41 -23.25 6.91
CA VAL B 81 11.36 -23.46 5.82
C VAL B 81 12.75 -23.05 6.28
N SER B 82 13.75 -23.57 5.58
CA SER B 82 15.14 -23.21 5.76
C SER B 82 15.64 -22.47 4.54
N VAL B 83 16.80 -21.84 4.69
CA VAL B 83 17.50 -21.28 3.53
C VAL B 83 17.73 -22.38 2.51
N GLY B 84 17.43 -22.10 1.25
CA GLY B 84 17.54 -23.07 0.19
C GLY B 84 16.26 -23.79 -0.14
N ASP B 85 15.27 -23.73 0.75
CA ASP B 85 13.97 -24.30 0.43
C ASP B 85 13.26 -23.43 -0.61
N TYR B 86 12.17 -23.98 -1.16
CA TYR B 86 11.38 -23.31 -2.18
C TYR B 86 10.00 -23.00 -1.63
N VAL B 87 9.48 -21.82 -1.98
CA VAL B 87 8.19 -21.37 -1.48
C VAL B 87 7.34 -20.88 -2.64
N GLU B 88 6.03 -20.93 -2.46
CA GLU B 88 5.10 -20.40 -3.44
C GLU B 88 4.78 -18.96 -3.07
N VAL B 89 4.78 -18.07 -4.06
CA VAL B 89 4.57 -16.65 -3.84
C VAL B 89 3.45 -16.17 -4.77
N LYS B 90 2.60 -15.30 -4.26
CA LYS B 90 1.43 -14.82 -5.00
C LYS B 90 1.01 -13.47 -4.43
N LYS B 91 0.61 -12.56 -5.31
CA LYS B 91 0.11 -11.27 -4.88
C LYS B 91 -1.13 -11.43 -4.01
N VAL B 92 -1.25 -10.57 -2.99
CA VAL B 92 -2.44 -10.50 -2.16
C VAL B 92 -2.88 -9.05 -2.00
N GLU B 93 -4.17 -8.81 -2.16
CA GLU B 93 -4.75 -7.49 -1.94
C GLU B 93 -6.27 -7.60 -1.89
N SER C 6 -25.04 -2.68 -3.64
CA SER C 6 -24.34 -1.39 -3.63
C SER C 6 -23.78 -1.07 -2.26
N SER C 7 -24.14 -1.88 -1.28
CA SER C 7 -23.56 -1.76 0.05
C SER C 7 -23.04 -3.12 0.49
N VAL C 8 -22.07 -3.09 1.41
CA VAL C 8 -21.50 -4.30 1.96
C VAL C 8 -21.53 -4.14 3.48
N GLU C 9 -21.48 -5.28 4.18
CA GLU C 9 -21.38 -5.28 5.63
C GLU C 9 -20.04 -5.89 5.99
N LEU C 10 -19.34 -5.25 6.92
CA LEU C 10 -17.97 -5.63 7.23
C LEU C 10 -17.76 -5.69 8.74
N ARG C 11 -16.92 -6.63 9.16
CA ARG C 11 -16.60 -6.81 10.56
C ARG C 11 -15.55 -5.79 10.99
N VAL C 12 -15.84 -5.08 12.08
CA VAL C 12 -15.02 -3.98 12.57
C VAL C 12 -13.86 -4.52 13.40
N LEU C 13 -12.64 -4.15 13.02
CA LEU C 13 -11.45 -4.46 13.82
C LEU C 13 -10.63 -3.19 14.02
N GLU C 14 -9.74 -3.23 15.01
CA GLU C 14 -9.03 -2.04 15.44
C GLU C 14 -7.98 -1.59 14.43
N ALA C 15 -7.79 -0.28 14.36
CA ALA C 15 -6.86 0.38 13.45
C ALA C 15 -5.44 0.34 14.01
N ARG C 16 -4.48 0.48 13.11
CA ARG C 16 -3.08 0.68 13.51
C ARG C 16 -2.86 2.13 13.94
N PRO C 17 -1.86 2.38 14.78
CA PRO C 17 -1.68 3.74 15.34
C PRO C 17 -1.63 4.84 14.31
N GLU C 18 -0.93 4.64 13.20
CA GLU C 18 -0.81 5.66 12.17
C GLU C 18 -2.14 6.00 11.53
N ASP C 19 -3.16 5.19 11.75
CA ASP C 19 -4.49 5.45 11.20
C ASP C 19 -5.44 6.06 12.21
N VAL C 20 -5.01 6.24 13.47
CA VAL C 20 -5.92 6.75 14.49
C VAL C 20 -6.10 8.24 14.33
N GLY C 21 -7.34 8.70 14.42
CA GLY C 21 -7.64 10.10 14.23
C GLY C 21 -7.74 10.54 12.79
N ARG C 22 -7.44 9.65 11.85
CA ARG C 22 -7.72 9.88 10.44
C ARG C 22 -9.06 9.22 10.13
N LYS C 23 -9.91 9.97 9.44
CA LYS C 23 -11.22 9.46 9.05
C LYS C 23 -11.06 8.57 7.83
N ILE C 24 -10.48 7.38 8.06
CA ILE C 24 -10.24 6.40 7.03
C ILE C 24 -10.72 5.04 7.48
N VAL C 25 -11.03 4.20 6.52
CA VAL C 25 -11.31 2.79 6.75
C VAL C 25 -10.48 2.00 5.74
N ARG C 26 -10.08 0.80 6.15
CA ARG C 26 -9.33 -0.10 5.27
C ARG C 26 -10.19 -1.28 4.86
N MET C 27 -10.22 -1.56 3.56
CA MET C 27 -11.00 -2.63 2.97
CA MET C 27 -10.96 -2.67 3.02
C MET C 27 -10.21 -3.27 1.84
N ASP C 28 -10.45 -4.57 1.60
CA ASP C 28 -9.65 -5.22 0.58
C ASP C 28 -10.20 -4.96 -0.82
N LYS C 29 -9.48 -5.46 -1.83
CA LYS C 29 -9.81 -5.13 -3.21
C LYS C 29 -11.15 -5.73 -3.63
N GLN C 30 -11.42 -6.98 -3.21
CA GLN C 30 -12.72 -7.59 -3.52
C GLN C 30 -13.86 -6.74 -2.98
N THR C 31 -13.70 -6.21 -1.76
CA THR C 31 -14.71 -5.35 -1.16
C THR C 31 -14.83 -4.03 -1.93
N ARG C 32 -13.70 -3.41 -2.23
CA ARG C 32 -13.75 -2.16 -2.99
C ARG C 32 -14.44 -2.36 -4.33
N ALA C 33 -14.19 -3.50 -4.99
CA ALA C 33 -14.83 -3.76 -6.28
C ALA C 33 -16.34 -3.90 -6.12
N ARG C 34 -16.78 -4.61 -5.08
CA ARG C 34 -18.22 -4.72 -4.83
C ARG C 34 -18.86 -3.35 -4.66
N LEU C 35 -18.18 -2.44 -3.97
CA LEU C 35 -18.69 -1.10 -3.71
C LEU C 35 -18.52 -0.15 -4.88
N GLY C 36 -17.70 -0.50 -5.87
CA GLY C 36 -17.41 0.43 -6.92
C GLY C 36 -16.54 1.58 -6.50
N VAL C 37 -15.64 1.38 -5.54
CA VAL C 37 -14.75 2.43 -5.06
C VAL C 37 -13.33 2.10 -5.45
N SER C 38 -12.53 3.14 -5.57
CA SER C 38 -11.09 3.06 -5.69
C SER C 38 -10.46 3.57 -4.40
N VAL C 39 -9.18 3.25 -4.21
CA VAL C 39 -8.47 3.80 -3.07
C VAL C 39 -8.54 5.33 -3.13
N GLY C 40 -8.84 5.96 -2.00
CA GLY C 40 -9.00 7.40 -1.94
C GLY C 40 -10.42 7.90 -2.09
N ASP C 41 -11.35 7.05 -2.55
CA ASP C 41 -12.74 7.45 -2.62
C ASP C 41 -13.33 7.59 -1.21
N TYR C 42 -14.55 8.09 -1.15
CA TYR C 42 -15.25 8.32 0.10
C TYR C 42 -16.39 7.32 0.25
N VAL C 43 -16.60 6.85 1.48
CA VAL C 43 -17.70 5.93 1.77
C VAL C 43 -18.45 6.40 2.98
N GLU C 44 -19.72 6.03 3.04
CA GLU C 44 -20.53 6.18 4.23
C GLU C 44 -20.40 4.91 5.06
N VAL C 45 -20.05 5.06 6.33
CA VAL C 45 -20.01 3.96 7.28
C VAL C 45 -21.20 4.13 8.20
N LYS C 46 -22.04 3.09 8.28
CA LYS C 46 -23.37 3.19 8.88
C LYS C 46 -23.62 2.08 9.88
N LYS C 47 -24.33 2.42 10.96
CA LYS C 47 -24.88 1.43 11.87
C LYS C 47 -26.27 1.90 12.23
N VAL C 48 -27.30 1.21 11.71
CA VAL C 48 -28.70 1.58 11.86
C VAL C 48 -28.87 3.03 11.42
N ASP C 49 -29.22 3.93 12.35
CA ASP C 49 -29.52 5.31 12.00
C ASP C 49 -28.31 6.24 12.18
N ARG C 50 -27.13 5.70 12.43
CA ARG C 50 -25.94 6.52 12.60
C ARG C 50 -25.03 6.33 11.39
N SER C 51 -24.39 7.42 10.96
CA SER C 51 -23.65 7.42 9.70
C SER C 51 -22.51 8.42 9.82
N VAL C 52 -21.34 8.05 9.29
CA VAL C 52 -20.22 8.99 9.12
C VAL C 52 -19.56 8.68 7.79
N VAL C 53 -18.71 9.60 7.33
CA VAL C 53 -18.02 9.47 6.05
C VAL C 53 -16.54 9.25 6.31
N ALA C 54 -15.93 8.32 5.56
CA ALA C 54 -14.52 8.02 5.69
C ALA C 54 -13.92 7.81 4.30
N ARG C 55 -12.59 7.88 4.21
CA ARG C 55 -11.91 7.63 2.95
C ARG C 55 -11.40 6.20 2.89
N VAL C 56 -11.36 5.67 1.67
CA VAL C 56 -11.03 4.26 1.44
C VAL C 56 -9.53 4.11 1.31
N LEU C 57 -8.94 3.27 2.15
CA LEU C 57 -7.54 2.89 2.06
C LEU C 57 -7.44 1.37 1.99
N PRO C 58 -6.34 0.83 1.51
CA PRO C 58 -6.28 -0.62 1.28
C PRO C 58 -6.16 -1.42 2.56
N ALA C 59 -6.57 -2.69 2.46
CA ALA C 59 -6.60 -3.59 3.60
C ALA C 59 -5.20 -3.96 4.10
N ARG C 60 -5.12 -4.31 5.38
CA ARG C 60 -4.02 -5.13 5.87
C ARG C 60 -3.99 -6.43 5.08
N PRO C 61 -2.84 -6.86 4.57
CA PRO C 61 -2.82 -8.09 3.77
C PRO C 61 -3.37 -9.31 4.51
N GLU C 62 -3.16 -9.38 5.83
CA GLU C 62 -3.69 -10.47 6.64
C GLU C 62 -5.21 -10.52 6.63
N ASP C 63 -5.88 -9.41 6.34
CA ASP C 63 -7.33 -9.35 6.42
C ASP C 63 -8.02 -9.74 5.11
N VAL C 64 -7.24 -9.86 4.03
CA VAL C 64 -7.83 -10.01 2.70
C VAL C 64 -8.72 -11.24 2.66
N GLY C 65 -9.93 -11.07 2.12
CA GLY C 65 -10.91 -12.12 1.95
C GLY C 65 -11.76 -12.41 3.16
N ARG C 66 -11.52 -11.72 4.28
CA ARG C 66 -12.21 -11.98 5.53
C ARG C 66 -13.33 -10.98 5.81
N GLY C 67 -13.64 -10.09 4.87
CA GLY C 67 -14.77 -9.18 5.03
C GLY C 67 -14.61 -8.27 6.22
N ILE C 68 -13.42 -7.72 6.39
CA ILE C 68 -13.08 -6.88 7.54
C ILE C 68 -13.05 -5.41 7.14
N VAL C 69 -13.35 -4.53 8.09
CA VAL C 69 -13.05 -3.11 7.93
C VAL C 69 -12.25 -2.69 9.15
N ARG C 70 -11.07 -2.09 8.91
CA ARG C 70 -10.28 -1.53 9.99
C ARG C 70 -10.69 -0.08 10.20
N MET C 71 -11.06 0.24 11.44
CA MET C 71 -11.64 1.53 11.81
CA MET C 71 -11.62 1.55 11.80
C MET C 71 -11.14 1.92 13.18
N ASP C 72 -10.83 3.20 13.39
CA ASP C 72 -10.29 3.61 14.67
C ASP C 72 -11.40 3.88 15.69
N LYS C 73 -10.98 4.21 16.93
CA LYS C 73 -11.89 4.39 18.05
C LYS C 73 -12.80 5.61 17.86
N TYR C 74 -12.37 6.62 17.11
CA TYR C 74 -13.23 7.79 16.90
C TYR C 74 -14.38 7.46 15.98
N LEU C 75 -14.10 6.80 14.85
CA LEU C 75 -15.17 6.37 13.97
C LEU C 75 -16.08 5.36 14.66
N ARG C 76 -15.51 4.43 15.43
CA ARG C 76 -16.34 3.48 16.16
C ARG C 76 -17.25 4.20 17.15
N ALA C 77 -16.70 5.12 17.93
CA ALA C 77 -17.50 5.81 18.92
C ALA C 77 -18.58 6.68 18.27
N ALA C 78 -18.27 7.26 17.11
CA ALA C 78 -19.27 8.07 16.41
C ALA C 78 -20.47 7.24 16.00
N LEU C 79 -20.27 5.97 15.67
CA LEU C 79 -21.34 5.07 15.26
C LEU C 79 -21.91 4.25 16.41
N GLY C 80 -21.28 4.29 17.58
CA GLY C 80 -21.70 3.43 18.67
C GLY C 80 -21.48 1.95 18.46
N VAL C 81 -20.44 1.56 17.70
CA VAL C 81 -20.17 0.17 17.41
C VAL C 81 -18.87 -0.26 18.09
N SER C 82 -18.79 -1.54 18.41
CA SER C 82 -17.63 -2.12 19.06
C SER C 82 -16.80 -2.91 18.06
N VAL C 83 -15.51 -3.08 18.40
CA VAL C 83 -14.71 -4.09 17.72
C VAL C 83 -15.46 -5.41 17.76
N GLY C 84 -15.57 -6.07 16.61
CA GLY C 84 -16.28 -7.32 16.51
C GLY C 84 -17.71 -7.21 16.00
N ASP C 85 -18.31 -6.04 16.10
CA ASP C 85 -19.60 -5.83 15.45
C ASP C 85 -19.37 -5.58 13.97
N TYR C 86 -20.46 -5.37 13.24
CA TYR C 86 -20.36 -5.07 11.82
C TYR C 86 -21.01 -3.72 11.54
N VAL C 87 -20.60 -3.13 10.42
CA VAL C 87 -21.16 -1.88 9.92
C VAL C 87 -21.53 -2.07 8.46
N GLU C 88 -22.40 -1.19 7.99
CA GLU C 88 -22.74 -1.09 6.57
C GLU C 88 -21.86 -0.05 5.93
N VAL C 89 -21.36 -0.34 4.73
CA VAL C 89 -20.51 0.59 4.00
C VAL C 89 -21.08 0.74 2.61
N LYS C 90 -21.16 1.99 2.14
CA LYS C 90 -21.72 2.34 0.84
C LYS C 90 -20.92 3.51 0.28
N LYS C 91 -20.79 3.57 -1.05
CA LYS C 91 -20.04 4.67 -1.66
C LYS C 91 -20.76 6.00 -1.47
N VAL C 92 -19.97 7.05 -1.25
CA VAL C 92 -20.44 8.43 -1.22
C VAL C 92 -20.03 9.09 -2.52
N GLU C 93 -21.02 9.57 -3.27
CA GLU C 93 -20.71 10.29 -4.51
C GLU C 93 -21.91 11.11 -4.95
S SO4 D . 0.75 -0.24 -11.48
O1 SO4 D . 2.00 -0.27 -10.73
O2 SO4 D . -0.20 0.65 -10.81
O3 SO4 D . 0.20 -1.60 -11.55
O4 SO4 D . 0.99 0.24 -12.84
S SO4 E . 17.02 6.81 -0.83
O1 SO4 E . 15.79 7.56 -1.04
O2 SO4 E . 17.73 7.37 0.32
O3 SO4 E . 16.75 5.41 -0.56
O4 SO4 E . 17.82 6.90 -2.07
S SO4 F . 10.21 2.79 3.21
O1 SO4 F . 9.58 4.07 2.94
O2 SO4 F . 11.59 2.89 2.74
O3 SO4 F . 9.51 1.71 2.54
O4 SO4 F . 10.19 2.53 4.65
S SO4 G . 15.20 -4.65 -9.27
O1 SO4 G . 14.26 -3.62 -9.73
O2 SO4 G . 16.44 -3.98 -8.89
O3 SO4 G . 14.61 -5.33 -8.10
O4 SO4 G . 15.49 -5.61 -10.34
S SO4 H . 8.38 -1.24 -9.87
O1 SO4 H . 8.48 0.11 -10.41
O2 SO4 H . 8.42 -1.18 -8.40
O3 SO4 H . 7.16 -1.90 -10.29
O4 SO4 H . 9.56 -1.98 -10.36
S SO4 I . 16.49 0.30 1.91
O1 SO4 I . 16.49 0.97 0.62
O2 SO4 I . 15.93 1.21 2.91
O3 SO4 I . 15.66 -0.90 1.85
O4 SO4 I . 17.86 -0.04 2.27
S SO4 J . 17.75 -21.62 8.41
O1 SO4 J . 16.36 -21.22 8.23
O2 SO4 J . 18.52 -20.48 8.89
O3 SO4 J . 18.34 -22.11 7.17
O4 SO4 J . 17.80 -22.69 9.43
S SO4 K . 23.88 -15.99 -0.91
O1 SO4 K . 23.74 -14.95 -1.93
O2 SO4 K . 23.01 -15.70 0.24
O3 SO4 K . 25.26 -16.03 -0.45
O4 SO4 K . 23.50 -17.27 -1.49
S SO4 L . 23.26 -19.35 -7.63
O1 SO4 L . 23.41 -18.12 -8.40
O2 SO4 L . 24.42 -19.54 -6.74
O3 SO4 L . 22.04 -19.30 -6.84
O4 SO4 L . 23.19 -20.49 -8.55
S SO4 M . -8.28 0.14 -6.45
O1 SO4 M . -9.50 -0.21 -5.70
O2 SO4 M . -7.92 1.53 -6.21
O3 SO4 M . -8.54 -0.05 -7.88
O4 SO4 M . -7.16 -0.72 -6.03
#